data_4QNR
#
_entry.id   4QNR
#
_cell.length_a   113.555
_cell.length_b   113.555
_cell.length_c   39.510
_cell.angle_alpha   90.000
_cell.angle_beta   90.000
_cell.angle_gamma   120.000
#
_symmetry.space_group_name_H-M   'P 65'
#
loop_
_entity.id
_entity.type
_entity.pdbx_description
1 polymer 'Psp operon transcriptional activator'
2 non-polymer "ADENOSINE-5'-TRIPHOSPHATE"
3 non-polymer 'MAGNESIUM ION'
4 non-polymer GLYCEROL
5 non-polymer '4-(2-HYDROXYETHYL)-1-PIPERAZINE ETHANESULFONIC ACID'
6 water water
#
_entity_poly.entity_id   1
_entity_poly.type   'polypeptide(L)'
_entity_poly.pdbx_seq_one_letter_code
;MAEYKDNLLGEANSFLEVLEQVSHLAPLDKPVLIIGERGTGKELIASRLHYLSSRWQGPFISLNCAALNENLLDSELFGH
EAGAFTGAQKRHPGRFERADGGTLFLDQLATAPMMVQEKLLRVIEYGELERVGGSQPLQVNVRLVCATNADLPAMVNEGT
FRADLLDRLAFDVVQLPPLRERESDIMLMAEYFAIQMCREIKLPLFPGFTERARETLLNYRWPGNIRELKNVVERSVYRH
GTSDYPLDDIIIDPFKRRPPEDAIA
;
_entity_poly.pdbx_strand_id   A
#
loop_
_chem_comp.id
_chem_comp.type
_chem_comp.name
_chem_comp.formula
ATP non-polymer ADENOSINE-5'-TRIPHOSPHATE 'C10 H16 N5 O13 P3'
EPE non-polymer '4-(2-HYDROXYETHYL)-1-PIPERAZINE ETHANESULFONIC ACID' 'C8 H18 N2 O4 S'
GOL non-polymer GLYCEROL 'C3 H8 O3'
MG non-polymer 'MAGNESIUM ION' 'Mg 2'
#
# COMPACT_ATOMS: atom_id res chain seq x y z
N ASN A 7 2.05 11.82 -5.00
CA ASN A 7 3.44 11.93 -4.53
C ASN A 7 4.24 10.68 -4.86
N LEU A 8 5.33 10.85 -5.60
CA LEU A 8 6.17 9.72 -5.99
C LEU A 8 7.64 10.12 -6.11
N LEU A 9 8.37 9.94 -5.02
CA LEU A 9 9.79 10.23 -4.94
C LEU A 9 10.63 8.97 -4.95
N GLY A 10 11.88 9.11 -5.37
CA GLY A 10 12.84 8.03 -5.32
C GLY A 10 13.53 7.83 -6.65
N GLU A 11 14.82 7.52 -6.58
CA GLU A 11 15.59 7.17 -7.76
C GLU A 11 16.52 5.99 -7.45
N ALA A 12 16.30 5.36 -6.29
CA ALA A 12 17.01 4.13 -5.99
C ALA A 12 16.66 3.15 -7.08
N ASN A 13 17.67 2.46 -7.61
CA ASN A 13 17.46 1.56 -8.73
C ASN A 13 16.39 0.52 -8.42
N SER A 14 16.35 0.04 -7.18
CA SER A 14 15.36 -0.96 -6.80
C SER A 14 13.93 -0.41 -6.96
N PHE A 15 13.76 0.87 -6.64
CA PHE A 15 12.47 1.52 -6.80
C PHE A 15 12.14 1.78 -8.28
N LEU A 16 13.13 2.20 -9.05
CA LEU A 16 12.93 2.43 -10.47
C LEU A 16 12.53 1.14 -11.18
N GLU A 17 13.10 0.04 -10.73
CA GLU A 17 12.77 -1.27 -11.30
C GLU A 17 11.30 -1.64 -11.03
N VAL A 18 10.81 -1.28 -9.85
CA VAL A 18 9.40 -1.48 -9.52
C VAL A 18 8.52 -0.70 -10.50
N LEU A 19 8.86 0.56 -10.75
CA LEU A 19 8.05 1.39 -11.62
C LEU A 19 8.01 0.84 -13.04
N GLU A 20 9.15 0.31 -13.49
CA GLU A 20 9.24 -0.32 -14.80
C GLU A 20 8.32 -1.54 -14.85
N GLN A 21 8.41 -2.36 -13.80
CA GLN A 21 7.58 -3.57 -13.72
C GLN A 21 6.10 -3.22 -13.77
N VAL A 22 5.73 -2.18 -13.04
CA VAL A 22 4.35 -1.75 -12.95
C VAL A 22 3.85 -1.27 -14.31
N SER A 23 4.71 -0.60 -15.06
CA SER A 23 4.33 -0.10 -16.38
C SER A 23 3.96 -1.25 -17.32
N HIS A 24 4.63 -2.38 -17.15
CA HIS A 24 4.37 -3.55 -17.99
C HIS A 24 3.18 -4.36 -17.50
N LEU A 25 2.96 -4.40 -16.18
CA LEU A 25 1.86 -5.17 -15.62
C LEU A 25 0.50 -4.47 -15.76
N ALA A 26 0.51 -3.13 -15.77
CA ALA A 26 -0.73 -2.37 -15.69
C ALA A 26 -1.72 -2.72 -16.80
N PRO A 27 -1.25 -2.83 -18.07
CA PRO A 27 -2.19 -3.12 -19.16
C PRO A 27 -2.85 -4.50 -19.11
N LEU A 28 -2.32 -5.42 -18.30
CA LEU A 28 -2.91 -6.76 -18.17
C LEU A 28 -4.17 -6.74 -17.32
N ASP A 29 -5.05 -7.72 -17.53
CA ASP A 29 -6.21 -7.89 -16.66
C ASP A 29 -5.92 -8.88 -15.53
N LYS A 30 -4.66 -9.30 -15.44
CA LYS A 30 -4.25 -10.30 -14.46
C LYS A 30 -4.10 -9.73 -13.06
N PRO A 31 -4.37 -10.56 -12.03
CA PRO A 31 -4.19 -10.08 -10.65
C PRO A 31 -2.72 -9.85 -10.31
N VAL A 32 -2.47 -8.85 -9.49
CA VAL A 32 -1.12 -8.48 -9.08
C VAL A 32 -1.05 -8.45 -7.56
N LEU A 33 -0.01 -9.07 -7.02
CA LEU A 33 0.24 -9.07 -5.59
C LEU A 33 1.40 -8.12 -5.28
N ILE A 34 1.17 -7.18 -4.37
CA ILE A 34 2.19 -6.24 -3.94
C ILE A 34 2.65 -6.62 -2.52
N ILE A 35 3.95 -6.84 -2.37
CA ILE A 35 4.53 -7.17 -1.08
C ILE A 35 5.35 -5.99 -0.60
N GLY A 36 5.13 -5.57 0.64
CA GLY A 36 5.88 -4.47 1.19
C GLY A 36 5.44 -4.08 2.57
N GLU A 37 6.37 -3.49 3.32
CA GLU A 37 6.13 -3.02 4.68
C GLU A 37 5.19 -1.82 4.70
N ARG A 38 4.67 -1.48 5.88
CA ARG A 38 3.84 -0.29 5.99
C ARG A 38 4.63 0.94 5.57
N GLY A 39 3.93 1.87 4.92
CA GLY A 39 4.52 3.13 4.53
C GLY A 39 5.43 3.08 3.31
N THR A 40 5.38 1.99 2.54
CA THR A 40 6.23 1.87 1.36
C THR A 40 5.55 2.28 0.06
N GLY A 41 4.27 2.64 0.12
CA GLY A 41 3.57 3.13 -1.05
C GLY A 41 2.69 2.14 -1.80
N LYS A 42 2.21 1.10 -1.11
CA LYS A 42 1.52 0.02 -1.80
C LYS A 42 0.21 0.45 -2.49
N GLU A 43 -0.63 1.24 -1.82
CA GLU A 43 -1.88 1.67 -2.46
C GLU A 43 -1.60 2.63 -3.61
N LEU A 44 -0.53 3.41 -3.50
CA LEU A 44 -0.13 4.30 -4.59
C LEU A 44 0.30 3.50 -5.82
N ILE A 45 1.00 2.39 -5.59
CA ILE A 45 1.38 1.50 -6.70
C ILE A 45 0.13 0.87 -7.30
N ALA A 46 -0.81 0.48 -6.45
CA ALA A 46 -2.06 -0.10 -6.95
C ALA A 46 -2.80 0.92 -7.81
N SER A 47 -2.77 2.18 -7.38
CA SER A 47 -3.40 3.27 -8.11
C SER A 47 -2.77 3.44 -9.48
N ARG A 48 -1.46 3.30 -9.53
CA ARG A 48 -0.70 3.42 -10.76
C ARG A 48 -1.05 2.30 -11.74
N LEU A 49 -1.19 1.09 -11.21
CA LEU A 49 -1.61 -0.05 -12.02
C LEU A 49 -2.96 0.24 -12.67
N HIS A 50 -3.86 0.86 -11.93
CA HIS A 50 -5.17 1.23 -12.46
C HIS A 50 -5.07 2.30 -13.55
N TYR A 51 -4.38 3.40 -13.26
CA TYR A 51 -4.44 4.54 -14.16
C TYR A 51 -3.53 4.38 -15.40
N LEU A 52 -2.62 3.42 -15.36
CA LEU A 52 -1.83 3.06 -16.54
C LEU A 52 -2.44 1.91 -17.32
N SER A 53 -3.58 1.40 -16.85
CA SER A 53 -4.26 0.30 -17.53
C SER A 53 -5.32 0.84 -18.48
N SER A 54 -5.94 -0.07 -19.24
CA SER A 54 -7.03 0.31 -20.11
C SER A 54 -8.29 0.66 -19.30
N ARG A 55 -8.28 0.31 -18.02
CA ARG A 55 -9.42 0.53 -17.13
C ARG A 55 -9.40 1.90 -16.44
N TRP A 56 -8.49 2.77 -16.86
CA TRP A 56 -8.21 3.98 -16.08
C TRP A 56 -9.44 4.87 -15.88
N GLN A 57 -10.42 4.80 -16.77
CA GLN A 57 -11.64 5.60 -16.62
C GLN A 57 -12.69 4.87 -15.78
N GLY A 58 -12.42 3.61 -15.45
CA GLY A 58 -13.29 2.86 -14.56
C GLY A 58 -13.00 3.17 -13.11
N PRO A 59 -13.77 2.59 -12.19
CA PRO A 59 -13.58 2.90 -10.76
C PRO A 59 -12.33 2.27 -10.16
N PHE A 60 -11.73 2.96 -9.19
CA PHE A 60 -10.68 2.38 -8.36
C PHE A 60 -11.20 2.28 -6.94
N ILE A 61 -11.44 1.05 -6.50
CA ILE A 61 -12.02 0.78 -5.19
C ILE A 61 -10.98 0.12 -4.28
N SER A 62 -10.99 0.51 -3.00
CA SER A 62 -10.06 -0.06 -2.04
CA SER A 62 -10.06 -0.06 -2.04
C SER A 62 -10.80 -0.65 -0.83
N LEU A 63 -10.23 -1.70 -0.26
CA LEU A 63 -10.78 -2.33 0.94
C LEU A 63 -9.63 -2.86 1.78
N ASN A 64 -9.59 -2.47 3.05
CA ASN A 64 -8.62 -3.04 3.98
C ASN A 64 -9.23 -4.23 4.72
N CYS A 65 -8.67 -5.41 4.47
CA CYS A 65 -9.22 -6.65 5.00
C CYS A 65 -9.03 -6.79 6.51
N ALA A 66 -8.01 -6.14 7.06
CA ALA A 66 -7.69 -6.28 8.48
C ALA A 66 -8.66 -5.51 9.34
N ALA A 67 -9.27 -4.48 8.77
CA ALA A 67 -10.06 -3.55 9.53
C ALA A 67 -11.36 -4.16 10.00
N LEU A 68 -11.93 -5.06 9.20
CA LEU A 68 -13.30 -5.55 9.43
C LEU A 68 -13.36 -6.95 10.02
N ASN A 69 -14.35 -7.19 10.88
CA ASN A 69 -14.58 -8.53 11.41
C ASN A 69 -15.07 -9.43 10.28
N GLU A 70 -15.08 -10.74 10.51
CA GLU A 70 -15.30 -11.70 9.44
C GLU A 70 -16.63 -11.52 8.71
N ASN A 71 -17.72 -11.37 9.46
CA ASN A 71 -19.03 -11.23 8.86
C ASN A 71 -19.16 -9.91 8.09
N LEU A 72 -18.59 -8.84 8.63
CA LEU A 72 -18.65 -7.54 7.99
C LEU A 72 -17.78 -7.50 6.72
N LEU A 73 -16.62 -8.15 6.78
CA LEU A 73 -15.73 -8.22 5.62
C LEU A 73 -16.43 -8.95 4.48
N ASP A 74 -17.09 -10.04 4.83
CA ASP A 74 -17.84 -10.84 3.87
C ASP A 74 -18.88 -9.98 3.15
N SER A 75 -19.66 -9.22 3.92
N SER A 75 -19.66 -9.22 3.92
CA SER A 75 -20.72 -8.39 3.35
CA SER A 75 -20.72 -8.38 3.36
C SER A 75 -20.16 -7.20 2.58
C SER A 75 -20.16 -7.20 2.58
N GLU A 76 -19.05 -6.63 3.06
CA GLU A 76 -18.46 -5.48 2.40
C GLU A 76 -17.88 -5.86 1.04
N LEU A 77 -17.28 -7.04 0.97
CA LEU A 77 -16.60 -7.47 -0.26
C LEU A 77 -17.58 -8.04 -1.29
N PHE A 78 -18.50 -8.89 -0.83
CA PHE A 78 -19.38 -9.62 -1.74
C PHE A 78 -20.81 -9.08 -1.76
N GLY A 79 -21.11 -8.17 -0.84
CA GLY A 79 -22.43 -7.55 -0.80
C GLY A 79 -23.45 -8.39 -0.05
N HIS A 80 -24.63 -7.81 0.14
CA HIS A 80 -25.75 -8.54 0.73
C HIS A 80 -27.07 -7.83 0.40
N GLU A 81 -28.17 -8.45 0.79
CA GLU A 81 -29.49 -7.87 0.53
C GLU A 81 -30.42 -8.07 1.74
N ALA A 82 -31.30 -9.05 1.68
CA ALA A 82 -32.27 -9.27 2.75
C ALA A 82 -31.58 -9.61 4.06
N ARG A 91 -30.60 -3.20 -0.60
CA ARG A 91 -29.44 -3.96 -1.05
C ARG A 91 -28.15 -3.20 -0.74
N HIS A 92 -27.12 -3.95 -0.35
CA HIS A 92 -25.81 -3.37 -0.09
C HIS A 92 -24.79 -3.89 -1.11
N PRO A 93 -24.49 -3.08 -2.14
CA PRO A 93 -23.47 -3.50 -3.11
C PRO A 93 -22.10 -3.68 -2.46
N GLY A 94 -21.45 -4.79 -2.73
CA GLY A 94 -20.11 -5.03 -2.21
C GLY A 94 -19.07 -4.34 -3.06
N ARG A 95 -17.80 -4.47 -2.64
CA ARG A 95 -16.71 -3.75 -3.29
C ARG A 95 -16.42 -4.29 -4.70
N PHE A 96 -16.67 -5.58 -4.92
CA PHE A 96 -16.52 -6.15 -6.25
C PHE A 96 -17.51 -5.51 -7.22
N GLU A 97 -18.75 -5.35 -6.77
CA GLU A 97 -19.79 -4.72 -7.60
C GLU A 97 -19.42 -3.28 -7.92
N ARG A 98 -18.97 -2.55 -6.90
CA ARG A 98 -18.61 -1.15 -7.07
C ARG A 98 -17.41 -0.99 -8.00
N ALA A 99 -16.59 -2.02 -8.10
CA ALA A 99 -15.37 -1.97 -8.90
C ALA A 99 -15.53 -2.51 -10.32
N ASP A 100 -16.77 -2.90 -10.67
CA ASP A 100 -17.04 -3.46 -11.99
C ASP A 100 -16.59 -2.51 -13.09
N GLY A 101 -15.81 -3.04 -14.04
CA GLY A 101 -15.24 -2.24 -15.10
C GLY A 101 -13.96 -1.51 -14.67
N GLY A 102 -13.53 -1.75 -13.44
CA GLY A 102 -12.36 -1.08 -12.90
C GLY A 102 -11.42 -2.00 -12.13
N THR A 103 -10.83 -1.45 -11.07
CA THR A 103 -9.83 -2.16 -10.28
C THR A 103 -10.22 -2.17 -8.81
N LEU A 104 -10.04 -3.33 -8.16
CA LEU A 104 -10.26 -3.45 -6.72
C LEU A 104 -8.92 -3.74 -6.04
N PHE A 105 -8.58 -2.90 -5.07
CA PHE A 105 -7.38 -3.06 -4.26
C PHE A 105 -7.72 -3.62 -2.88
N LEU A 106 -7.21 -4.81 -2.57
CA LEU A 106 -7.39 -5.43 -1.26
C LEU A 106 -6.11 -5.35 -0.43
N ASP A 107 -6.13 -4.52 0.61
CA ASP A 107 -4.97 -4.34 1.48
C ASP A 107 -5.02 -5.32 2.66
N GLN A 108 -3.83 -5.64 3.19
CA GLN A 108 -3.68 -6.57 4.31
C GLN A 108 -4.40 -7.87 4.04
N LEU A 109 -4.13 -8.42 2.87
CA LEU A 109 -4.79 -9.61 2.37
C LEU A 109 -4.64 -10.81 3.29
N ALA A 110 -3.48 -10.93 3.93
CA ALA A 110 -3.18 -12.12 4.72
C ALA A 110 -4.02 -12.19 5.99
N THR A 111 -4.74 -11.11 6.32
CA THR A 111 -5.64 -11.12 7.47
C THR A 111 -7.03 -11.62 7.11
N ALA A 112 -7.30 -11.83 5.82
CA ALA A 112 -8.60 -12.33 5.40
C ALA A 112 -8.86 -13.71 5.99
N PRO A 113 -10.03 -13.91 6.62
CA PRO A 113 -10.35 -15.26 7.12
C PRO A 113 -10.41 -16.28 5.99
N MET A 114 -10.21 -17.55 6.33
CA MET A 114 -10.17 -18.60 5.32
C MET A 114 -11.46 -18.70 4.51
N MET A 115 -12.60 -18.34 5.09
N MET A 115 -12.63 -18.38 5.08
CA MET A 115 -13.87 -18.32 4.37
CA MET A 115 -13.85 -18.28 4.27
C MET A 115 -13.86 -17.32 3.23
C MET A 115 -13.61 -17.37 3.12
N VAL A 116 -13.33 -16.13 3.49
CA VAL A 116 -13.29 -15.04 2.55
C VAL A 116 -12.32 -15.40 1.45
N GLN A 117 -11.23 -16.07 1.84
CA GLN A 117 -10.23 -16.52 0.88
C GLN A 117 -10.84 -17.48 -0.15
N GLU A 118 -11.64 -18.43 0.33
CA GLU A 118 -12.26 -19.38 -0.57
C GLU A 118 -13.25 -18.68 -1.49
N LYS A 119 -14.07 -17.80 -0.91
CA LYS A 119 -15.06 -17.07 -1.70
C LYS A 119 -14.38 -16.18 -2.72
N LEU A 120 -13.25 -15.59 -2.33
CA LEU A 120 -12.48 -14.74 -3.23
C LEU A 120 -11.99 -15.54 -4.44
N LEU A 121 -11.48 -16.74 -4.19
CA LEU A 121 -11.00 -17.59 -5.27
C LEU A 121 -12.14 -17.91 -6.22
N ARG A 122 -13.32 -18.17 -5.68
CA ARG A 122 -14.50 -18.47 -6.49
C ARG A 122 -14.81 -17.32 -7.45
N VAL A 123 -14.76 -16.09 -6.96
CA VAL A 123 -15.05 -14.93 -7.80
C VAL A 123 -14.00 -14.79 -8.90
N ILE A 124 -12.74 -15.00 -8.54
CA ILE A 124 -11.65 -14.90 -9.50
C ILE A 124 -11.80 -15.92 -10.62
N GLU A 125 -12.16 -17.16 -10.25
CA GLU A 125 -12.18 -18.25 -11.21
C GLU A 125 -13.51 -18.36 -11.99
N TYR A 126 -14.62 -17.90 -11.40
CA TYR A 126 -15.93 -18.00 -12.06
C TYR A 126 -16.48 -16.65 -12.54
N GLY A 127 -15.96 -15.56 -12.00
CA GLY A 127 -16.32 -14.24 -12.48
C GLY A 127 -17.72 -13.80 -12.13
N GLU A 128 -18.27 -14.37 -11.07
CA GLU A 128 -19.59 -13.95 -10.60
C GLU A 128 -19.71 -14.00 -9.09
N LEU A 129 -20.60 -13.16 -8.55
CA LEU A 129 -20.89 -13.14 -7.13
C LEU A 129 -22.09 -14.03 -6.84
N GLU A 130 -21.92 -14.97 -5.91
CA GLU A 130 -22.99 -15.88 -5.53
C GLU A 130 -24.18 -15.11 -4.96
N ARG A 131 -25.38 -15.56 -5.30
CA ARG A 131 -26.59 -14.90 -4.81
C ARG A 131 -27.79 -15.84 -4.88
N VAL A 132 -28.50 -15.96 -3.75
CA VAL A 132 -29.71 -16.76 -3.68
C VAL A 132 -30.82 -15.87 -3.13
N GLY A 133 -31.88 -16.48 -2.60
CA GLY A 133 -33.00 -15.71 -2.08
C GLY A 133 -33.91 -15.20 -3.17
N GLY A 134 -33.55 -15.50 -4.43
CA GLY A 134 -34.36 -15.14 -5.57
C GLY A 134 -33.59 -14.41 -6.64
N SER A 135 -32.52 -13.73 -6.25
CA SER A 135 -31.72 -12.94 -7.17
C SER A 135 -30.76 -13.80 -7.99
N GLN A 136 -30.63 -13.47 -9.27
CA GLN A 136 -29.67 -14.15 -10.14
C GLN A 136 -28.26 -13.73 -9.75
N PRO A 137 -27.27 -14.62 -10.00
CA PRO A 137 -25.89 -14.25 -9.67
C PRO A 137 -25.44 -13.01 -10.43
N LEU A 138 -24.50 -12.27 -9.85
CA LEU A 138 -23.97 -11.05 -10.47
C LEU A 138 -22.64 -11.32 -11.15
N GLN A 139 -22.60 -11.15 -12.46
CA GLN A 139 -21.35 -11.24 -13.19
C GLN A 139 -20.54 -9.95 -12.97
N VAL A 140 -19.26 -10.10 -12.64
CA VAL A 140 -18.40 -8.93 -12.43
C VAL A 140 -17.11 -9.03 -13.24
N ASN A 141 -16.63 -7.85 -13.65
CA ASN A 141 -15.42 -7.72 -14.43
C ASN A 141 -14.48 -6.77 -13.72
N VAL A 142 -13.59 -7.34 -12.91
CA VAL A 142 -12.76 -6.57 -11.99
C VAL A 142 -11.30 -7.00 -12.07
N ARG A 143 -10.41 -6.02 -12.19
CA ARG A 143 -8.97 -6.28 -12.11
C ARG A 143 -8.56 -6.19 -10.65
N LEU A 144 -7.94 -7.27 -10.15
CA LEU A 144 -7.61 -7.37 -8.74
C LEU A 144 -6.15 -7.01 -8.45
N VAL A 145 -5.95 -6.19 -7.43
CA VAL A 145 -4.62 -5.93 -6.89
C VAL A 145 -4.70 -6.14 -5.38
N CYS A 146 -3.76 -6.91 -4.84
CA CYS A 146 -3.74 -7.17 -3.40
C CYS A 146 -2.39 -6.79 -2.82
N ALA A 147 -2.37 -6.51 -1.52
CA ALA A 147 -1.15 -6.16 -0.81
C ALA A 147 -1.06 -6.83 0.55
N THR A 148 0.18 -7.08 0.97
CA THR A 148 0.47 -7.68 2.28
C THR A 148 1.96 -7.53 2.58
N ASN A 149 2.37 -7.72 3.82
CA ASN A 149 3.80 -7.92 4.11
C ASN A 149 4.08 -9.29 4.70
N ALA A 150 3.06 -10.14 4.68
CA ALA A 150 3.22 -11.51 5.14
C ALA A 150 4.01 -12.35 4.16
N ASP A 151 4.61 -13.42 4.69
CA ASP A 151 5.19 -14.49 3.89
C ASP A 151 4.06 -15.45 3.55
N LEU A 152 3.43 -15.27 2.39
CA LEU A 152 2.25 -16.05 2.07
C LEU A 152 2.58 -17.53 1.84
N PRO A 153 3.71 -17.83 1.17
CA PRO A 153 4.07 -19.25 1.10
C PRO A 153 4.21 -19.90 2.47
N ALA A 154 4.75 -19.18 3.44
CA ALA A 154 4.89 -19.72 4.79
C ALA A 154 3.53 -19.94 5.44
N MET A 155 2.58 -19.04 5.19
CA MET A 155 1.24 -19.18 5.73
C MET A 155 0.51 -20.35 5.08
N VAL A 156 0.80 -20.61 3.81
CA VAL A 156 0.22 -21.77 3.14
C VAL A 156 0.67 -23.05 3.84
N ASN A 157 1.95 -23.12 4.19
CA ASN A 157 2.48 -24.27 4.90
C ASN A 157 1.85 -24.41 6.29
N GLU A 158 1.50 -23.27 6.89
CA GLU A 158 0.91 -23.25 8.23
C GLU A 158 -0.60 -23.51 8.19
N GLY A 159 -1.19 -23.47 7.00
CA GLY A 159 -2.61 -23.73 6.85
C GLY A 159 -3.48 -22.51 7.14
N THR A 160 -2.87 -21.33 7.12
CA THR A 160 -3.59 -20.09 7.42
C THR A 160 -3.80 -19.21 6.19
N PHE A 161 -3.29 -19.68 5.04
CA PHE A 161 -3.64 -19.09 3.75
C PHE A 161 -3.86 -20.21 2.76
N ARG A 162 -4.86 -20.06 1.90
CA ARG A 162 -5.22 -21.10 0.94
C ARG A 162 -4.22 -21.21 -0.19
N ALA A 163 -3.70 -22.42 -0.39
CA ALA A 163 -2.75 -22.69 -1.46
C ALA A 163 -3.37 -22.43 -2.82
N ASP A 164 -4.63 -22.84 -3.02
CA ASP A 164 -5.24 -22.66 -4.32
C ASP A 164 -5.48 -21.18 -4.61
N LEU A 165 -5.83 -20.40 -3.60
CA LEU A 165 -5.99 -18.96 -3.82
C LEU A 165 -4.66 -18.35 -4.25
N LEU A 166 -3.59 -18.74 -3.60
CA LEU A 166 -2.27 -18.19 -3.91
C LEU A 166 -1.77 -18.65 -5.27
N ASP A 167 -2.14 -19.87 -5.66
CA ASP A 167 -1.76 -20.41 -6.99
C ASP A 167 -2.35 -19.58 -8.12
N ARG A 168 -3.46 -18.91 -7.83
CA ARG A 168 -4.23 -18.20 -8.84
C ARG A 168 -3.99 -16.70 -8.74
N LEU A 169 -3.89 -16.23 -7.51
CA LEU A 169 -3.85 -14.80 -7.21
C LEU A 169 -2.51 -14.16 -7.56
N ALA A 170 -1.43 -14.90 -7.33
CA ALA A 170 -0.08 -14.38 -7.55
C ALA A 170 0.36 -14.57 -8.99
N PHE A 171 -0.35 -13.98 -9.95
CA PHE A 171 0.09 -14.05 -11.34
C PHE A 171 1.48 -13.43 -11.46
N ASP A 172 1.68 -12.26 -10.85
CA ASP A 172 3.02 -11.77 -10.63
C ASP A 172 3.07 -10.97 -9.34
N VAL A 173 4.27 -10.69 -8.89
CA VAL A 173 4.51 -10.09 -7.59
C VAL A 173 5.39 -8.86 -7.72
N VAL A 174 4.92 -7.76 -7.14
CA VAL A 174 5.68 -6.52 -7.05
C VAL A 174 6.20 -6.40 -5.63
N GLN A 175 7.51 -6.37 -5.47
CA GLN A 175 8.12 -6.28 -4.15
C GLN A 175 8.68 -4.90 -3.92
N LEU A 176 8.06 -4.15 -3.02
CA LEU A 176 8.50 -2.79 -2.71
C LEU A 176 9.64 -2.82 -1.71
N PRO A 177 10.79 -2.21 -2.05
CA PRO A 177 11.89 -2.17 -1.10
C PRO A 177 11.61 -1.28 0.11
N PRO A 178 11.99 -1.73 1.32
CA PRO A 178 11.85 -0.82 2.45
C PRO A 178 12.87 0.30 2.34
N LEU A 179 12.61 1.39 3.04
CA LEU A 179 13.46 2.57 2.98
C LEU A 179 14.90 2.25 3.36
N ARG A 180 15.09 1.35 4.31
CA ARG A 180 16.42 1.02 4.80
C ARG A 180 17.26 0.29 3.75
N GLU A 181 16.59 -0.23 2.72
CA GLU A 181 17.26 -0.86 1.59
C GLU A 181 17.31 0.09 0.39
N ARG A 182 16.83 1.31 0.60
CA ARG A 182 16.92 2.39 -0.38
C ARG A 182 17.72 3.54 0.22
N GLU A 183 18.90 3.25 0.77
CA GLU A 183 19.65 4.22 1.57
C GLU A 183 19.84 5.57 0.87
N SER A 184 20.07 5.55 -0.45
CA SER A 184 20.29 6.78 -1.20
C SER A 184 19.06 7.67 -1.24
N ASP A 185 17.88 7.07 -1.09
CA ASP A 185 16.63 7.82 -1.13
C ASP A 185 16.30 8.50 0.20
N ILE A 186 16.92 8.05 1.29
CA ILE A 186 16.60 8.60 2.60
C ILE A 186 16.90 10.10 2.66
N MET A 187 18.11 10.50 2.29
CA MET A 187 18.43 11.92 2.39
C MET A 187 17.69 12.72 1.30
N LEU A 188 17.49 12.12 0.13
CA LEU A 188 16.75 12.77 -0.93
C LEU A 188 15.32 13.11 -0.47
N MET A 189 14.64 12.12 0.09
CA MET A 189 13.28 12.31 0.56
C MET A 189 13.24 13.21 1.80
N ALA A 190 14.20 13.05 2.69
CA ALA A 190 14.24 13.86 3.90
C ALA A 190 14.34 15.34 3.55
N GLU A 191 15.18 15.66 2.57
CA GLU A 191 15.35 17.03 2.12
C GLU A 191 14.04 17.55 1.52
N TYR A 192 13.39 16.74 0.70
CA TYR A 192 12.12 17.13 0.10
C TYR A 192 11.06 17.42 1.16
N PHE A 193 10.91 16.52 2.13
CA PHE A 193 9.92 16.70 3.18
C PHE A 193 10.26 17.90 4.06
N ALA A 194 11.54 18.15 4.29
CA ALA A 194 11.97 19.27 5.12
C ALA A 194 11.63 20.59 4.45
N ILE A 195 11.88 20.67 3.15
CA ILE A 195 11.59 21.88 2.38
C ILE A 195 10.08 22.16 2.40
N GLN A 196 9.26 21.14 2.21
CA GLN A 196 7.81 21.31 2.25
C GLN A 196 7.39 21.85 3.61
N MET A 197 7.98 21.34 4.68
CA MET A 197 7.61 21.79 6.01
C MET A 197 8.05 23.23 6.23
N CYS A 198 9.21 23.61 5.69
CA CYS A 198 9.65 25.00 5.78
C CYS A 198 8.64 25.94 5.14
N ARG A 199 8.06 25.53 4.01
CA ARG A 199 7.02 26.33 3.37
C ARG A 199 5.78 26.45 4.27
N GLU A 200 5.41 25.33 4.91
CA GLU A 200 4.21 25.31 5.73
C GLU A 200 4.33 26.22 6.95
N ILE A 201 5.52 26.31 7.54
CA ILE A 201 5.74 27.15 8.72
C ILE A 201 6.49 28.45 8.38
N LYS A 202 6.61 28.73 7.07
CA LYS A 202 7.06 30.02 6.56
C LYS A 202 8.50 30.38 6.93
N LEU A 203 9.37 29.38 6.94
CA LEU A 203 10.81 29.60 7.03
C LEU A 203 11.34 29.96 5.64
N PRO A 204 12.27 30.93 5.56
CA PRO A 204 12.72 31.37 4.23
C PRO A 204 13.53 30.34 3.47
N LEU A 205 14.22 29.45 4.17
CA LEU A 205 15.11 28.48 3.55
C LEU A 205 15.30 27.29 4.48
N PHE A 206 15.39 26.09 3.92
CA PHE A 206 15.79 24.94 4.73
C PHE A 206 17.29 25.03 4.96
N PRO A 207 17.73 25.10 6.23
CA PRO A 207 19.15 25.36 6.50
C PRO A 207 20.07 24.16 6.41
N GLY A 208 19.53 22.99 6.06
CA GLY A 208 20.34 21.80 5.87
C GLY A 208 20.36 20.87 7.07
N PHE A 209 20.91 19.68 6.86
CA PHE A 209 21.09 18.69 7.92
C PHE A 209 22.56 18.62 8.35
N THR A 210 22.83 18.64 9.64
CA THR A 210 24.18 18.40 10.13
C THR A 210 24.55 16.94 9.90
N GLU A 211 25.84 16.64 10.03
CA GLU A 211 26.31 15.27 9.92
C GLU A 211 25.67 14.40 11.00
N ARG A 212 25.48 14.94 12.20
CA ARG A 212 24.81 14.20 13.26
C ARG A 212 23.39 13.81 12.85
N ALA A 213 22.67 14.75 12.27
CA ALA A 213 21.31 14.51 11.81
C ALA A 213 21.29 13.45 10.71
N ARG A 214 22.26 13.54 9.79
CA ARG A 214 22.35 12.58 8.69
C ARG A 214 22.64 11.19 9.22
N GLU A 215 23.52 11.09 10.21
CA GLU A 215 23.83 9.82 10.85
C GLU A 215 22.58 9.22 11.47
N THR A 216 21.81 10.05 12.16
CA THR A 216 20.58 9.60 12.81
C THR A 216 19.60 9.08 11.77
N LEU A 217 19.43 9.83 10.68
CA LEU A 217 18.49 9.46 9.63
C LEU A 217 18.89 8.17 8.92
N LEU A 218 20.18 8.02 8.65
CA LEU A 218 20.65 6.91 7.83
C LEU A 218 20.85 5.62 8.64
N ASN A 219 20.99 5.74 9.96
CA ASN A 219 21.19 4.57 10.81
C ASN A 219 19.88 3.98 11.33
N TYR A 220 18.83 4.78 11.35
CA TYR A 220 17.50 4.32 11.79
C TYR A 220 16.90 3.36 10.76
N ARG A 221 16.19 2.34 11.21
CA ARG A 221 15.73 1.29 10.31
CA ARG A 221 15.74 1.28 10.31
C ARG A 221 14.37 1.60 9.66
N TRP A 222 13.74 2.69 10.07
CA TRP A 222 12.47 3.14 9.49
C TRP A 222 11.40 2.05 9.34
N PRO A 223 10.93 1.50 10.47
CA PRO A 223 9.87 0.49 10.42
C PRO A 223 8.59 1.01 9.76
N GLY A 224 8.37 2.32 9.81
CA GLY A 224 7.20 2.92 9.18
C GLY A 224 7.54 3.55 7.83
N ASN A 225 8.76 3.31 7.37
CA ASN A 225 9.22 3.71 6.04
C ASN A 225 8.86 5.15 5.66
N ILE A 226 8.27 5.39 4.49
CA ILE A 226 8.17 6.78 3.98
C ILE A 226 7.21 7.63 4.82
N ARG A 227 6.10 7.05 5.27
CA ARG A 227 5.15 7.76 6.13
C ARG A 227 5.86 8.25 7.40
N GLU A 228 6.66 7.37 7.98
CA GLU A 228 7.38 7.71 9.21
C GLU A 228 8.45 8.76 8.94
N LEU A 229 9.18 8.62 7.85
CA LEU A 229 10.22 9.58 7.49
C LEU A 229 9.62 10.97 7.38
N LYS A 230 8.49 11.07 6.69
CA LYS A 230 7.84 12.37 6.53
C LYS A 230 7.47 12.98 7.88
N ASN A 231 6.86 12.18 8.76
CA ASN A 231 6.44 12.70 10.05
C ASN A 231 7.62 13.12 10.93
N VAL A 232 8.65 12.28 10.96
CA VAL A 232 9.86 12.59 11.73
C VAL A 232 10.51 13.88 11.24
N VAL A 233 10.64 14.03 9.93
CA VAL A 233 11.30 15.21 9.38
C VAL A 233 10.47 16.46 9.61
N GLU A 234 9.15 16.38 9.42
CA GLU A 234 8.29 17.54 9.65
C GLU A 234 8.36 17.98 11.11
N ARG A 235 8.26 17.03 12.04
CA ARG A 235 8.37 17.34 13.47
C ARG A 235 9.73 17.98 13.78
N SER A 236 10.79 17.43 13.19
CA SER A 236 12.13 17.90 13.49
C SER A 236 12.34 19.33 12.99
N VAL A 237 11.82 19.63 11.80
CA VAL A 237 11.93 20.97 11.25
C VAL A 237 11.16 21.96 12.12
N TYR A 238 9.96 21.57 12.53
CA TYR A 238 9.13 22.43 13.37
C TYR A 238 9.81 22.72 14.71
N ARG A 239 10.34 21.69 15.36
CA ARG A 239 11.00 21.87 16.65
C ARG A 239 12.26 22.71 16.55
N HIS A 240 12.94 22.60 15.42
CA HIS A 240 14.14 23.39 15.13
C HIS A 240 13.74 24.86 14.94
N GLY A 241 12.81 25.09 14.01
CA GLY A 241 12.11 26.36 13.90
C GLY A 241 12.91 27.58 13.47
N THR A 242 14.01 27.36 12.75
CA THR A 242 14.84 28.48 12.30
C THR A 242 15.63 28.14 11.04
N SER A 243 15.93 29.17 10.25
CA SER A 243 16.78 29.03 9.07
C SER A 243 18.21 29.48 9.37
N ASP A 244 18.45 29.92 10.60
CA ASP A 244 19.72 30.56 10.95
C ASP A 244 20.89 29.57 11.08
N TYR A 245 20.59 28.32 11.37
CA TYR A 245 21.62 27.29 11.38
C TYR A 245 21.03 25.92 11.09
N PRO A 246 21.88 24.96 10.72
CA PRO A 246 21.41 23.65 10.26
C PRO A 246 20.67 22.85 11.31
N LEU A 247 19.77 22.01 10.83
CA LEU A 247 19.00 21.09 11.66
C LEU A 247 19.91 19.98 12.16
N ASP A 248 20.01 19.86 13.48
CA ASP A 248 20.91 18.91 14.12
C ASP A 248 20.17 17.79 14.85
N ASP A 249 19.01 18.13 15.40
N ASP A 249 18.99 18.11 15.37
CA ASP A 249 18.23 17.20 16.21
CA ASP A 249 18.26 17.18 16.24
C ASP A 249 17.09 16.55 15.43
C ASP A 249 17.08 16.52 15.52
N ILE A 250 17.27 15.28 15.11
CA ILE A 250 16.22 14.50 14.46
C ILE A 250 15.39 13.79 15.55
N ILE A 251 14.11 14.15 15.64
CA ILE A 251 13.24 13.65 16.69
C ILE A 251 12.47 12.42 16.20
N ILE A 252 13.08 11.26 16.30
CA ILE A 252 12.46 10.03 15.86
C ILE A 252 11.27 9.65 16.73
N ASP A 253 11.45 9.79 18.04
CA ASP A 253 10.47 9.36 19.03
C ASP A 253 9.92 10.55 19.81
N PRO A 254 8.68 10.99 19.48
CA PRO A 254 8.15 12.16 20.18
C PRO A 254 7.70 11.87 21.61
N PHE A 255 7.71 10.60 22.00
CA PHE A 255 7.28 10.22 23.33
C PHE A 255 8.40 10.37 24.35
N LYS A 256 9.59 10.73 23.87
CA LYS A 256 10.71 11.08 24.74
C LYS A 256 10.64 12.54 25.16
N ARG A 257 11.11 12.82 26.36
CA ARG A 257 11.11 14.18 26.90
C ARG A 257 12.53 14.67 27.15
PG ATP B . 0.18 1.04 4.64
O1G ATP B . 0.19 -0.36 4.09
O2G ATP B . -1.09 1.82 4.33
O3G ATP B . 0.64 1.15 6.07
PB ATP B . 1.45 1.73 2.20
O1B ATP B . 0.11 1.52 1.53
O2B ATP B . 2.54 0.73 1.92
O3B ATP B . 1.32 1.80 3.82
PA ATP B . 1.03 4.36 1.27
O1A ATP B . 0.81 4.15 -0.21
O2A ATP B . -0.19 4.43 2.16
O3A ATP B . 1.99 3.22 1.86
O5' ATP B . 1.90 5.70 1.52
C5' ATP B . 2.11 6.15 2.86
C4' ATP B . 2.82 7.50 2.87
O4' ATP B . 4.12 7.36 2.29
C3' ATP B . 2.06 8.55 2.08
O3' ATP B . 1.78 9.68 2.91
C2' ATP B . 2.97 8.92 0.92
O2' ATP B . 3.04 10.34 0.71
C1' ATP B . 4.33 8.36 1.29
N9 ATP B . 4.89 7.77 0.06
C8 ATP B . 4.74 6.49 -0.36
N7 ATP B . 5.39 6.31 -1.54
C5 ATP B . 5.96 7.47 -1.87
C6 ATP B . 6.80 7.97 -2.99
N6 ATP B . 7.16 7.16 -4.00
N1 ATP B . 7.18 9.26 -2.94
C2 ATP B . 6.84 10.10 -1.94
N3 ATP B . 6.08 9.70 -0.90
C4 ATP B . 5.63 8.44 -0.82
H5'1 ATP B . 1.15 6.24 3.36
H5'2 ATP B . 2.70 5.42 3.40
H4' ATP B . 2.91 7.84 3.91
H3' ATP B . 1.13 8.11 1.69
HO3' ATP B . 1.29 10.35 2.40
H2' ATP B . 2.60 8.43 0.01
HO2' ATP B . 2.16 10.67 0.49
H1' ATP B . 4.97 9.16 1.66
H8 ATP B . 4.17 5.73 0.16
HN61 ATP B . 6.85 6.19 -4.01
HN62 ATP B . 7.72 7.51 -4.76
H2 ATP B . 7.18 11.13 -1.97
MG MG C . -2.43 1.16 2.23
C1 GOL D . 10.67 26.90 17.61
O1 GOL D . 9.92 27.80 16.80
C2 GOL D . 9.74 26.21 18.61
O2 GOL D . 8.45 26.11 18.05
C3 GOL D . 10.26 24.81 18.91
O3 GOL D . 9.30 24.09 19.65
H11 GOL D . 11.15 26.16 16.98
H12 GOL D . 11.44 27.45 18.14
HO1 GOL D . 10.52 28.29 16.21
H2 GOL D . 9.71 26.79 19.53
HO2 GOL D . 8.48 25.57 17.23
H31 GOL D . 10.48 24.28 17.98
H32 GOL D . 11.19 24.89 19.48
HO3 GOL D . 8.76 24.71 20.18
C1 GOL E . -25.45 -10.87 -3.54
O1 GOL E . -24.39 -11.77 -3.34
C2 GOL E . -25.01 -9.47 -3.11
O2 GOL E . -23.89 -9.06 -3.86
C3 GOL E . -26.16 -8.48 -3.28
O3 GOL E . -25.65 -7.24 -3.72
H11 GOL E . -25.73 -10.85 -4.59
H12 GOL E . -26.32 -11.17 -2.96
HO1 GOL E . -24.69 -12.68 -3.55
H2 GOL E . -24.75 -9.50 -2.05
HO2 GOL E . -24.14 -9.02 -4.81
H31 GOL E . -26.87 -8.86 -4.01
H32 GOL E . -26.68 -8.34 -2.34
HO3 GOL E . -26.39 -6.63 -3.91
N1 EPE F . -0.60 -11.12 9.37
C2 EPE F . -1.67 -12.12 9.51
C3 EPE F . -1.34 -13.19 10.55
N4 EPE F . 0.09 -13.29 10.71
C5 EPE F . 0.82 -13.15 9.48
C6 EPE F . 0.69 -11.72 8.98
C7 EPE F . 0.67 -12.66 11.88
C8 EPE F . 0.95 -13.67 12.98
O8 EPE F . 1.86 -14.65 12.49
C9 EPE F . -1.04 -10.20 8.30
C10 EPE F . -0.03 -9.13 7.91
S EPE F . -0.68 -8.04 6.61
O1S EPE F . -1.39 -8.79 5.57
O2S EPE F . -1.59 -7.07 7.20
O3S EPE F . 0.43 -7.33 5.98
H21 EPE F . -1.85 -12.60 8.55
H22 EPE F . -2.60 -11.62 9.79
H31 EPE F . -1.74 -14.14 10.23
H32 EPE F . -1.81 -12.92 11.51
H51 EPE F . 0.44 -13.85 8.74
H52 EPE F . 1.87 -13.38 9.66
H61 EPE F . 0.76 -11.72 7.90
H62 EPE F . 1.51 -11.12 9.37
H71 EPE F . -0.01 -11.89 12.27
H72 EPE F . 1.60 -12.16 11.60
H81 EPE F . 0.03 -14.15 13.30
H82 EPE F . 1.39 -13.17 13.85
HO8 EPE F . 2.08 -14.44 11.56
H91 EPE F . -1.29 -10.79 7.42
H92 EPE F . -1.96 -9.71 8.63
H101 EPE F . 0.22 -8.54 8.78
H102 EPE F . 0.88 -9.61 7.55
#